data_3RWO
#
_entry.id   3RWO
#
_cell.length_a   130.000
_cell.length_b   45.200
_cell.length_c   73.400
_cell.angle_alpha   90.00
_cell.angle_beta   110.50
_cell.angle_gamma   90.00
#
_symmetry.space_group_name_H-M   'C 1 2 1'
#
loop_
_entity.id
_entity.type
_entity.pdbx_description
1 polymer 'GTP-binding protein YPT32/YPT11'
2 non-polymer "GUANOSINE-5'-DIPHOSPHATE"
3 non-polymer 'MAGNESIUM ION'
4 water water
#
_entity_poly.entity_id   1
_entity_poly.type   'polypeptide(L)'
_entity_poly.pdbx_seq_one_letter_code
;GAMGYDYDYLFKIVLIGDSGVGKSNLLSRFTTDEFNIESKSTIGVEFATRTIEVENKKIKAQIWDTAGLERYRAITSAYY
RGAVGALIVYDISKSSSYENCNHWLTELRENADDNVAVGLIGNKSDLAHLRAVPTDEAKNFAMENQMLFTETSALNSDNV
DKAFRELIVAIFQMVSKHQVDLSGS
;
_entity_poly.pdbx_strand_id   B,A
#
loop_
_chem_comp.id
_chem_comp.type
_chem_comp.name
_chem_comp.formula
GDP RNA linking GUANOSINE-5'-DIPHOSPHATE 'C10 H15 N5 O11 P2'
MG non-polymer 'MAGNESIUM ION' 'Mg 2'
#
# COMPACT_ATOMS: atom_id res chain seq x y z
N GLY A 4 0.20 23.86 5.90
CA GLY A 4 0.17 23.37 4.49
C GLY A 4 -1.10 23.74 3.74
N TYR A 5 -1.54 24.99 3.92
CA TYR A 5 -2.77 25.54 3.30
C TYR A 5 -2.68 25.57 1.77
N ASP A 6 -1.47 25.74 1.26
CA ASP A 6 -1.28 25.94 -0.15
C ASP A 6 0.10 25.51 -0.59
N TYR A 7 0.23 25.31 -1.89
CA TYR A 7 1.48 24.94 -2.50
C TYR A 7 1.38 25.39 -3.93
N ASP A 8 2.53 25.68 -4.52
CA ASP A 8 2.61 26.19 -5.88
C ASP A 8 2.63 25.08 -6.92
N TYR A 9 3.26 23.96 -6.57
CA TYR A 9 3.36 22.81 -7.45
C TYR A 9 3.19 21.54 -6.65
N LEU A 10 2.69 20.52 -7.32
CA LEU A 10 2.72 19.17 -6.78
C LEU A 10 3.55 18.34 -7.74
N PHE A 11 4.64 17.75 -7.24
CA PHE A 11 5.47 16.87 -8.06
C PHE A 11 5.28 15.42 -7.61
N LYS A 12 4.72 14.59 -8.47
CA LYS A 12 4.65 13.16 -8.18
C LYS A 12 5.99 12.51 -8.53
N ILE A 13 6.56 11.78 -7.57
CA ILE A 13 7.83 11.09 -7.75
C ILE A 13 7.63 9.63 -7.39
N VAL A 14 8.03 8.72 -8.28
CA VAL A 14 7.94 7.28 -7.95
C VAL A 14 9.28 6.68 -7.54
N LEU A 15 9.24 5.82 -6.53
CA LEU A 15 10.39 5.01 -6.15
C LEU A 15 10.32 3.67 -6.88
N ILE A 16 11.40 3.27 -7.53
CA ILE A 16 11.42 1.94 -8.19
C ILE A 16 12.75 1.26 -7.94
N GLY A 17 12.76 -0.06 -8.01
CA GLY A 17 13.97 -0.83 -7.75
C GLY A 17 13.62 -2.19 -7.18
N ASP A 18 14.63 -3.06 -7.12
CA ASP A 18 14.44 -4.42 -6.62
C ASP A 18 13.91 -4.44 -5.20
N SER A 19 13.24 -5.52 -4.86
CA SER A 19 12.75 -5.71 -3.50
CA SER A 19 12.75 -5.72 -3.51
C SER A 19 13.93 -5.80 -2.54
N GLY A 20 13.78 -5.16 -1.37
CA GLY A 20 14.74 -5.20 -0.28
C GLY A 20 15.77 -4.10 -0.26
N VAL A 21 15.77 -3.23 -1.27
CA VAL A 21 16.84 -2.23 -1.38
C VAL A 21 16.64 -1.05 -0.42
N GLY A 22 15.41 -0.87 0.07
CA GLY A 22 15.13 0.23 1.02
C GLY A 22 14.18 1.32 0.54
N LYS A 23 13.41 1.05 -0.52
CA LYS A 23 12.50 2.06 -1.08
C LYS A 23 11.48 2.53 -0.05
N SER A 24 10.84 1.60 0.63
CA SER A 24 9.80 2.00 1.57
C SER A 24 10.38 2.85 2.71
N ASN A 25 11.59 2.50 3.13
CA ASN A 25 12.25 3.29 4.15
C ASN A 25 12.80 4.61 3.68
N LEU A 26 13.20 4.69 2.41
CA LEU A 26 13.49 6.01 1.85
C LEU A 26 12.23 6.92 1.88
N LEU A 27 11.08 6.36 1.50
CA LEU A 27 9.82 7.11 1.60
C LEU A 27 9.55 7.59 3.02
N SER A 28 9.65 6.68 4.00
CA SER A 28 9.37 7.06 5.37
C SER A 28 10.41 8.01 5.95
N ARG A 29 11.69 7.79 5.64
CA ARG A 29 12.75 8.67 6.15
C ARG A 29 12.53 10.09 5.63
N PHE A 30 12.26 10.23 4.34
CA PHE A 30 12.11 11.55 3.78
C PHE A 30 10.84 12.23 4.26
N THR A 31 9.73 11.49 4.31
CA THR A 31 8.45 12.16 4.55
C THR A 31 8.14 12.43 6.01
N THR A 32 8.51 11.50 6.89
CA THR A 32 8.17 11.62 8.32
C THR A 32 9.34 11.31 9.24
N ASP A 33 10.54 11.22 8.65
CA ASP A 33 11.77 10.97 9.41
C ASP A 33 11.63 9.67 10.22
N GLU A 34 11.03 8.67 9.60
CA GLU A 34 10.81 7.39 10.26
C GLU A 34 11.51 6.26 9.53
N PHE A 35 11.91 5.24 10.28
CA PHE A 35 12.59 4.08 9.71
C PHE A 35 12.04 2.84 10.42
N ASN A 36 11.86 1.78 9.65
CA ASN A 36 11.31 0.53 10.15
C ASN A 36 12.31 -0.58 9.83
N ILE A 37 12.83 -1.23 10.86
CA ILE A 37 13.84 -2.29 10.71
C ILE A 37 13.26 -3.56 10.07
N GLU A 38 11.92 -3.66 10.02
CA GLU A 38 11.21 -4.84 9.52
C GLU A 38 11.55 -5.22 8.06
N SER A 39 11.88 -6.50 7.87
CA SER A 39 12.43 -7.01 6.62
C SER A 39 11.38 -7.59 5.65
N LYS A 40 10.11 -7.56 6.08
CA LYS A 40 8.99 -8.05 5.27
C LYS A 40 8.45 -6.92 4.40
N SER A 41 8.30 -7.18 3.11
CA SER A 41 7.71 -6.20 2.21
C SER A 41 6.17 -6.18 2.31
N THR A 42 5.60 -4.98 2.29
CA THR A 42 4.15 -4.78 2.24
C THR A 42 3.73 -4.79 0.77
N ILE A 43 2.86 -5.74 0.40
CA ILE A 43 2.36 -5.79 -0.99
C ILE A 43 1.31 -4.71 -1.13
N GLY A 44 1.52 -3.80 -2.07
CA GLY A 44 0.54 -2.74 -2.29
C GLY A 44 1.15 -1.51 -2.93
N VAL A 45 0.45 -0.40 -2.77
CA VAL A 45 0.93 0.90 -3.28
CA VAL A 45 0.93 0.89 -3.27
C VAL A 45 0.63 1.92 -2.20
N GLU A 46 1.59 2.83 -1.95
CA GLU A 46 1.23 3.93 -1.10
CA GLU A 46 1.43 3.87 -0.94
C GLU A 46 1.95 5.19 -1.49
N PHE A 47 1.43 6.31 -1.01
CA PHE A 47 2.17 7.55 -1.17
C PHE A 47 2.15 8.39 0.10
N ALA A 48 3.13 9.27 0.23
CA ALA A 48 3.18 10.22 1.34
C ALA A 48 3.78 11.52 0.81
N THR A 49 3.52 12.62 1.50
CA THR A 49 3.91 13.93 0.97
C THR A 49 4.83 14.66 1.93
N ARG A 50 5.61 15.58 1.37
CA ARG A 50 6.37 16.53 2.18
C ARG A 50 6.49 17.78 1.34
N THR A 51 6.38 18.95 1.96
CA THR A 51 6.50 20.17 1.19
C THR A 51 7.87 20.75 1.42
N ILE A 52 8.53 21.13 0.33
CA ILE A 52 9.80 21.82 0.47
C ILE A 52 9.82 23.04 -0.45
N GLU A 53 10.75 23.93 -0.15
CA GLU A 53 10.82 25.18 -0.85
C GLU A 53 11.91 25.12 -1.89
N VAL A 54 11.59 25.58 -3.10
CA VAL A 54 12.61 25.76 -4.14
C VAL A 54 12.39 27.14 -4.73
N GLU A 55 13.42 28.00 -4.63
CA GLU A 55 13.33 29.37 -5.15
C GLU A 55 12.04 30.07 -4.71
N ASN A 56 11.80 30.08 -3.40
CA ASN A 56 10.61 30.72 -2.81
CA ASN A 56 10.61 30.73 -2.80
C ASN A 56 9.26 30.16 -3.30
N LYS A 57 9.30 29.03 -3.98
CA LYS A 57 8.06 28.33 -4.39
C LYS A 57 7.88 27.12 -3.48
N LYS A 58 6.65 26.85 -3.08
CA LYS A 58 6.38 25.71 -2.20
C LYS A 58 6.00 24.52 -3.07
N ILE A 59 6.76 23.42 -2.92
CA ILE A 59 6.56 22.25 -3.73
C ILE A 59 6.07 21.12 -2.87
N LYS A 60 4.88 20.60 -3.17
CA LYS A 60 4.41 19.40 -2.48
C LYS A 60 4.94 18.20 -3.23
N ALA A 61 5.92 17.53 -2.64
CA ALA A 61 6.49 16.31 -3.19
C ALA A 61 5.62 15.14 -2.76
N GLN A 62 5.07 14.45 -3.74
CA GLN A 62 4.14 13.34 -3.47
C GLN A 62 4.89 12.10 -3.87
N ILE A 63 5.38 11.36 -2.87
CA ILE A 63 6.35 10.27 -3.09
C ILE A 63 5.60 8.95 -3.08
N TRP A 64 5.69 8.18 -4.18
CA TRP A 64 4.97 6.91 -4.29
C TRP A 64 5.90 5.72 -4.11
N ASP A 65 5.33 4.62 -3.64
CA ASP A 65 6.09 3.41 -3.31
C ASP A 65 5.18 2.22 -3.54
N THR A 66 5.76 1.11 -3.98
CA THR A 66 4.95 -0.05 -4.31
C THR A 66 5.75 -1.33 -4.14
N ALA A 67 5.03 -2.45 -4.04
CA ALA A 67 5.66 -3.76 -4.09
C ALA A 67 4.64 -4.76 -4.47
N GLY A 68 5.03 -5.77 -5.25
CA GLY A 68 4.17 -6.95 -5.40
C GLY A 68 2.96 -6.85 -6.32
N LEU A 69 2.81 -5.70 -7.00
CA LEU A 69 1.67 -5.49 -7.86
C LEU A 69 2.04 -5.47 -9.34
N GLU A 70 3.22 -5.97 -9.69
CA GLU A 70 3.67 -5.86 -11.08
C GLU A 70 2.76 -6.55 -12.12
N ARG A 71 1.97 -7.53 -11.69
CA ARG A 71 1.05 -8.18 -12.62
C ARG A 71 -0.36 -7.58 -12.61
N TYR A 72 -0.53 -6.48 -11.87
CA TYR A 72 -1.81 -5.77 -11.83
C TYR A 72 -1.67 -4.55 -12.75
N ARG A 73 -2.23 -4.65 -13.95
CA ARG A 73 -1.96 -3.66 -14.99
C ARG A 73 -2.47 -2.26 -14.67
N ALA A 74 -3.75 -2.15 -14.32
CA ALA A 74 -4.34 -0.83 -14.05
C ALA A 74 -3.67 -0.13 -12.87
N ILE A 75 -3.40 -0.86 -11.79
CA ILE A 75 -2.76 -0.25 -10.64
C ILE A 75 -1.33 0.18 -11.00
N THR A 76 -0.60 -0.65 -11.72
CA THR A 76 0.78 -0.29 -12.14
C THR A 76 0.77 0.96 -13.05
N SER A 77 -0.19 1.03 -13.97
CA SER A 77 -0.37 2.21 -14.80
CA SER A 77 -0.32 2.22 -14.79
C SER A 77 -0.64 3.45 -13.96
N ALA A 78 -1.47 3.29 -12.92
CA ALA A 78 -1.82 4.40 -12.06
C ALA A 78 -0.59 4.83 -11.27
N TYR A 79 0.26 3.85 -10.96
CA TYR A 79 1.48 4.09 -10.20
C TYR A 79 2.36 5.10 -10.97
N TYR A 80 2.58 4.82 -12.24
CA TYR A 80 3.43 5.67 -13.05
C TYR A 80 2.76 6.95 -13.55
N ARG A 81 1.43 6.92 -13.66
CA ARG A 81 0.67 8.06 -14.25
C ARG A 81 0.93 9.37 -13.53
N GLY A 82 1.31 10.38 -14.32
CA GLY A 82 1.53 11.69 -13.78
C GLY A 82 2.85 11.89 -13.07
N ALA A 83 3.67 10.85 -12.97
CA ALA A 83 4.98 11.03 -12.30
C ALA A 83 5.84 11.97 -13.14
N VAL A 84 6.45 12.94 -12.47
CA VAL A 84 7.41 13.86 -13.10
C VAL A 84 8.85 13.58 -12.65
N GLY A 85 9.02 12.77 -11.60
CA GLY A 85 10.34 12.34 -11.15
C GLY A 85 10.32 10.86 -10.80
N ALA A 86 11.49 10.26 -10.83
CA ALA A 86 11.66 8.88 -10.40
C ALA A 86 12.99 8.72 -9.75
N LEU A 87 13.02 7.87 -8.73
CA LEU A 87 14.26 7.50 -8.09
C LEU A 87 14.39 6.00 -8.28
N ILE A 88 15.45 5.61 -8.97
CA ILE A 88 15.79 4.18 -9.13
C ILE A 88 16.75 3.81 -8.02
N VAL A 89 16.39 2.81 -7.21
CA VAL A 89 17.12 2.51 -5.98
C VAL A 89 17.76 1.14 -6.06
N TYR A 90 19.05 1.08 -5.73
CA TYR A 90 19.70 -0.23 -5.50
C TYR A 90 20.34 -0.23 -4.11
N ASP A 91 20.88 -1.38 -3.74
CA ASP A 91 21.48 -1.62 -2.43
C ASP A 91 22.98 -1.77 -2.71
N ILE A 92 23.79 -0.88 -2.13
CA ILE A 92 25.24 -0.89 -2.40
C ILE A 92 25.91 -2.23 -2.00
N SER A 93 25.23 -3.02 -1.18
CA SER A 93 25.75 -4.31 -0.71
C SER A 93 25.25 -5.50 -1.51
N LYS A 94 24.45 -5.25 -2.55
CA LYS A 94 23.86 -6.34 -3.31
C LYS A 94 23.99 -6.06 -4.81
N SER A 95 25.03 -6.62 -5.43
CA SER A 95 25.33 -6.30 -6.83
C SER A 95 24.15 -6.57 -7.78
N SER A 96 23.35 -7.61 -7.49
CA SER A 96 22.16 -7.91 -8.33
C SER A 96 21.21 -6.73 -8.47
N SER A 97 21.04 -5.98 -7.38
CA SER A 97 20.11 -4.85 -7.38
C SER A 97 20.60 -3.72 -8.26
N TYR A 98 21.91 -3.58 -8.32
CA TYR A 98 22.55 -2.58 -9.14
C TYR A 98 22.52 -3.01 -10.62
N GLU A 99 22.81 -4.28 -10.87
CA GLU A 99 22.80 -4.79 -12.24
CA GLU A 99 22.78 -4.85 -12.22
C GLU A 99 21.40 -4.75 -12.85
N ASN A 100 20.37 -4.76 -12.00
CA ASN A 100 18.99 -4.69 -12.46
CA ASN A 100 19.01 -4.69 -12.50
C ASN A 100 18.52 -3.25 -12.74
N CYS A 101 19.39 -2.26 -12.52
CA CYS A 101 18.97 -0.86 -12.75
C CYS A 101 18.64 -0.54 -14.21
N ASN A 102 19.28 -1.25 -15.14
CA ASN A 102 18.93 -1.08 -16.55
C ASN A 102 17.49 -1.52 -16.81
N HIS A 103 17.06 -2.60 -16.16
CA HIS A 103 15.67 -3.03 -16.22
C HIS A 103 14.74 -1.91 -15.77
N TRP A 104 15.08 -1.27 -14.65
CA TRP A 104 14.24 -0.23 -14.07
C TRP A 104 14.19 1.01 -14.95
N LEU A 105 15.31 1.36 -15.56
CA LEU A 105 15.35 2.46 -16.50
C LEU A 105 14.44 2.18 -17.69
N THR A 106 14.48 0.94 -18.16
CA THR A 106 13.63 0.51 -19.27
C THR A 106 12.15 0.54 -18.88
N GLU A 107 11.85 0.13 -17.64
CA GLU A 107 10.47 0.20 -17.14
C GLU A 107 9.98 1.63 -17.12
N LEU A 108 10.83 2.54 -16.68
CA LEU A 108 10.50 3.96 -16.72
C LEU A 108 10.21 4.44 -18.13
N ARG A 109 11.09 4.08 -19.08
CA ARG A 109 10.94 4.48 -20.48
CA ARG A 109 10.94 4.49 -20.48
C ARG A 109 9.63 3.97 -21.06
N GLU A 110 9.20 2.79 -20.61
CA GLU A 110 8.02 2.15 -21.18
C GLU A 110 6.72 2.51 -20.51
N ASN A 111 6.79 3.05 -19.29
CA ASN A 111 5.59 3.27 -18.49
C ASN A 111 5.36 4.69 -18.01
N ALA A 112 6.43 5.49 -17.96
CA ALA A 112 6.33 6.83 -17.44
C ALA A 112 6.39 7.81 -18.61
N ASP A 113 5.91 9.02 -18.37
CA ASP A 113 6.02 10.13 -19.33
C ASP A 113 7.46 10.33 -19.84
N ASP A 114 7.59 10.78 -21.09
CA ASP A 114 8.90 11.05 -21.69
C ASP A 114 9.80 12.03 -20.90
N ASN A 115 9.17 13.02 -20.23
CA ASN A 115 9.88 14.14 -19.59
C ASN A 115 10.38 13.92 -18.15
N VAL A 116 10.25 12.69 -17.65
CA VAL A 116 10.55 12.38 -16.24
C VAL A 116 12.03 12.58 -15.89
N ALA A 117 12.29 13.31 -14.80
CA ALA A 117 13.65 13.52 -14.29
C ALA A 117 13.99 12.33 -13.40
N VAL A 118 15.21 11.82 -13.50
CA VAL A 118 15.55 10.56 -12.84
C VAL A 118 16.80 10.70 -11.98
N GLY A 119 16.75 10.14 -10.79
CA GLY A 119 17.91 10.02 -9.93
C GLY A 119 18.14 8.56 -9.60
N LEU A 120 19.41 8.21 -9.46
CA LEU A 120 19.86 6.89 -9.01
C LEU A 120 20.29 6.99 -7.56
N ILE A 121 19.82 6.07 -6.74
CA ILE A 121 20.17 6.01 -5.34
C ILE A 121 20.80 4.67 -4.99
N GLY A 122 22.03 4.74 -4.48
CA GLY A 122 22.66 3.57 -3.88
C GLY A 122 22.43 3.63 -2.38
N ASN A 123 21.49 2.82 -1.90
CA ASN A 123 21.08 2.86 -0.51
C ASN A 123 21.85 1.84 0.34
N LYS A 124 21.69 1.95 1.67
CA LYS A 124 22.41 1.12 2.65
C LYS A 124 23.90 1.42 2.70
N SER A 125 24.27 2.70 2.54
CA SER A 125 25.68 3.09 2.57
C SER A 125 26.33 2.77 3.94
N ASP A 126 25.51 2.56 4.96
CA ASP A 126 26.01 2.20 6.29
C ASP A 126 26.59 0.78 6.32
N LEU A 127 26.26 0.00 5.29
CA LEU A 127 26.81 -1.37 5.14
C LEU A 127 28.06 -1.37 4.27
N ALA A 128 28.93 -0.40 4.50
CA ALA A 128 30.15 -0.22 3.69
C ALA A 128 31.10 -1.42 3.75
N HIS A 129 31.09 -2.13 4.88
CA HIS A 129 31.89 -3.35 5.02
C HIS A 129 31.42 -4.51 4.13
N LEU A 130 30.24 -4.36 3.53
CA LEU A 130 29.62 -5.36 2.64
C LEU A 130 29.49 -4.83 1.22
N ARG A 131 30.21 -3.75 0.92
CA ARG A 131 30.01 -3.07 -0.38
C ARG A 131 30.26 -4.02 -1.55
N ALA A 132 29.32 -4.05 -2.50
CA ALA A 132 29.45 -4.86 -3.69
C ALA A 132 29.40 -4.01 -4.95
N VAL A 133 29.06 -2.72 -4.79
CA VAL A 133 28.99 -1.77 -5.91
C VAL A 133 29.88 -0.55 -5.66
N PRO A 134 30.96 -0.42 -6.43
CA PRO A 134 31.83 0.73 -6.24
C PRO A 134 31.12 2.03 -6.62
N THR A 135 31.29 3.04 -5.78
CA THR A 135 30.70 4.36 -5.95
C THR A 135 31.01 4.96 -7.33
N ASP A 136 32.28 4.94 -7.73
CA ASP A 136 32.66 5.52 -9.03
CA ASP A 136 32.68 5.51 -9.03
C ASP A 136 32.01 4.81 -10.22
N GLU A 137 31.83 3.51 -10.13
CA GLU A 137 31.18 2.77 -11.21
C GLU A 137 29.72 3.19 -11.35
N ALA A 138 29.00 3.17 -10.23
CA ALA A 138 27.60 3.59 -10.21
C ALA A 138 27.44 5.06 -10.65
N LYS A 139 28.31 5.93 -10.14
CA LYS A 139 28.31 7.35 -10.51
C LYS A 139 28.45 7.53 -12.04
N ASN A 140 29.34 6.76 -12.65
CA ASN A 140 29.53 6.80 -14.09
C ASN A 140 28.32 6.29 -14.87
N PHE A 141 27.72 5.21 -14.38
CA PHE A 141 26.49 4.66 -14.96
C PHE A 141 25.35 5.68 -14.90
N ALA A 142 25.24 6.39 -13.77
CA ALA A 142 24.24 7.43 -13.64
C ALA A 142 24.47 8.52 -14.69
N MET A 143 25.72 8.97 -14.82
CA MET A 143 26.06 10.03 -15.77
CA MET A 143 26.04 10.03 -15.77
C MET A 143 25.76 9.60 -17.20
N GLU A 144 26.16 8.37 -17.55
CA GLU A 144 25.92 7.86 -18.89
C GLU A 144 24.44 7.79 -19.23
N ASN A 145 23.60 7.70 -18.19
CA ASN A 145 22.17 7.56 -18.39
C ASN A 145 21.36 8.78 -17.95
N GLN A 146 22.04 9.92 -17.84
CA GLN A 146 21.41 11.21 -17.52
C GLN A 146 20.63 11.16 -16.20
N MET A 147 21.17 10.43 -15.23
CA MET A 147 20.57 10.32 -13.91
C MET A 147 21.40 11.08 -12.90
N LEU A 148 20.73 11.71 -11.94
CA LEU A 148 21.39 12.21 -10.75
C LEU A 148 21.86 10.99 -9.95
N PHE A 149 22.82 11.20 -9.05
CA PHE A 149 23.33 10.08 -8.25
C PHE A 149 23.63 10.46 -6.82
N THR A 150 23.16 9.64 -5.89
CA THR A 150 23.43 9.80 -4.46
C THR A 150 23.60 8.42 -3.83
N GLU A 151 24.54 8.28 -2.89
CA GLU A 151 24.52 7.13 -1.98
C GLU A 151 23.87 7.58 -0.70
N THR A 152 22.95 6.76 -0.20
CA THR A 152 22.17 7.12 0.99
C THR A 152 22.22 6.02 2.04
N SER A 153 21.86 6.37 3.27
CA SER A 153 21.46 5.39 4.25
C SER A 153 20.14 5.83 4.84
N ALA A 154 19.06 5.16 4.45
CA ALA A 154 17.76 5.41 5.08
C ALA A 154 17.86 5.13 6.59
N LEU A 155 18.70 4.16 6.94
CA LEU A 155 18.87 3.77 8.34
CA LEU A 155 18.91 3.76 8.34
C LEU A 155 19.46 4.91 9.19
N ASN A 156 20.57 5.51 8.75
CA ASN A 156 21.20 6.58 9.55
CA ASN A 156 21.20 6.56 9.57
C ASN A 156 20.87 7.97 9.08
N SER A 157 20.07 8.03 8.01
CA SER A 157 19.59 9.30 7.39
CA SER A 157 19.57 9.27 7.36
C SER A 157 20.51 9.91 6.32
N ASP A 158 21.77 9.45 6.27
CA ASP A 158 22.79 10.04 5.38
C ASP A 158 22.28 10.26 3.97
N ASN A 159 22.35 11.52 3.53
CA ASN A 159 22.06 11.92 2.15
C ASN A 159 20.61 11.71 1.65
N VAL A 160 19.69 11.31 2.51
CA VAL A 160 18.30 11.03 2.06
C VAL A 160 17.63 12.35 1.62
N ASP A 161 17.67 13.36 2.48
CA ASP A 161 17.06 14.63 2.07
C ASP A 161 17.75 15.19 0.83
N LYS A 162 19.07 15.01 0.72
CA LYS A 162 19.82 15.49 -0.44
C LYS A 162 19.35 14.84 -1.73
N ALA A 163 19.17 13.52 -1.71
CA ALA A 163 18.74 12.80 -2.92
C ALA A 163 17.38 13.32 -3.41
N PHE A 164 16.43 13.46 -2.48
CA PHE A 164 15.08 13.89 -2.87
C PHE A 164 15.11 15.34 -3.27
N ARG A 165 15.82 16.16 -2.51
CA ARG A 165 15.86 17.60 -2.82
C ARG A 165 16.46 17.90 -4.17
N GLU A 166 17.57 17.22 -4.49
CA GLU A 166 18.26 17.43 -5.78
CA GLU A 166 18.23 17.49 -5.77
C GLU A 166 17.33 17.11 -6.94
N LEU A 167 16.56 16.03 -6.78
CA LEU A 167 15.63 15.62 -7.83
C LEU A 167 14.51 16.64 -7.97
N ILE A 168 13.99 17.10 -6.83
CA ILE A 168 12.90 18.10 -6.83
C ILE A 168 13.36 19.41 -7.48
N VAL A 169 14.59 19.82 -7.16
CA VAL A 169 15.15 21.01 -7.79
C VAL A 169 15.23 20.80 -9.31
N ALA A 170 15.66 19.61 -9.74
CA ALA A 170 15.77 19.26 -11.17
C ALA A 170 14.42 19.24 -11.88
N ILE A 171 13.42 18.69 -11.21
CA ILE A 171 12.06 18.72 -11.75
C ILE A 171 11.62 20.18 -11.89
N PHE A 172 11.92 21.00 -10.87
CA PHE A 172 11.51 22.42 -10.85
C PHE A 172 12.08 23.22 -12.03
N GLN A 173 13.35 22.93 -12.37
CA GLN A 173 14.01 23.61 -13.47
C GLN A 173 13.33 23.31 -14.79
N MET A 174 12.96 22.06 -14.99
CA MET A 174 12.25 21.63 -16.20
C MET A 174 10.85 22.21 -16.30
N VAL A 175 10.10 22.16 -15.21
CA VAL A 175 8.71 22.66 -15.23
C VAL A 175 8.45 23.72 -14.16
N ASP B 6 0.11 -26.46 -5.50
CA ASP B 6 -0.36 -25.15 -4.96
C ASP B 6 -1.89 -25.12 -4.73
N TYR B 7 -2.44 -23.93 -4.61
CA TYR B 7 -3.82 -23.78 -4.16
C TYR B 7 -4.84 -24.22 -5.23
N ASP B 8 -6.04 -24.57 -4.76
CA ASP B 8 -7.15 -24.89 -5.68
C ASP B 8 -7.88 -23.66 -6.17
N TYR B 9 -8.02 -22.65 -5.30
CA TYR B 9 -8.68 -21.40 -5.65
C TYR B 9 -7.93 -20.26 -5.03
N LEU B 10 -7.96 -19.12 -5.73
CA LEU B 10 -7.52 -17.84 -5.18
CA LEU B 10 -7.54 -17.86 -5.15
C LEU B 10 -8.77 -16.95 -5.12
N PHE B 11 -9.13 -16.49 -3.91
CA PHE B 11 -10.30 -15.64 -3.73
C PHE B 11 -9.89 -14.26 -3.26
N LYS B 12 -10.19 -13.24 -4.06
CA LYS B 12 -9.96 -11.86 -3.65
C LYS B 12 -11.13 -11.36 -2.81
N ILE B 13 -10.81 -10.83 -1.63
CA ILE B 13 -11.83 -10.31 -0.69
C ILE B 13 -11.40 -8.89 -0.29
N VAL B 14 -12.31 -7.94 -0.40
CA VAL B 14 -12.02 -6.55 -0.03
C VAL B 14 -12.66 -6.21 1.29
N LEU B 15 -11.95 -5.40 2.06
CA LEU B 15 -12.49 -4.85 3.31
C LEU B 15 -12.93 -3.43 3.06
N ILE B 16 -14.15 -3.12 3.49
CA ILE B 16 -14.65 -1.73 3.37
C ILE B 16 -15.41 -1.35 4.63
N GLY B 17 -15.51 -0.04 4.87
CA GLY B 17 -16.17 0.48 6.06
C GLY B 17 -15.56 1.81 6.49
N ASP B 18 -16.19 2.46 7.46
CA ASP B 18 -15.72 3.77 7.94
C ASP B 18 -14.29 3.70 8.46
N SER B 19 -13.58 4.83 8.38
CA SER B 19 -12.27 4.89 9.00
CA SER B 19 -12.27 4.91 9.02
C SER B 19 -12.42 4.61 10.50
N GLY B 20 -11.44 3.90 11.05
CA GLY B 20 -11.35 3.68 12.49
C GLY B 20 -11.95 2.39 12.99
N VAL B 21 -12.66 1.67 12.10
CA VAL B 21 -13.44 0.52 12.59
C VAL B 21 -12.60 -0.72 12.84
N GLY B 22 -11.41 -0.74 12.24
CA GLY B 22 -10.48 -1.85 12.46
C GLY B 22 -10.18 -2.68 11.22
N LYS B 23 -10.45 -2.15 10.04
CA LYS B 23 -10.21 -2.90 8.79
C LYS B 23 -8.74 -3.34 8.64
N SER B 24 -7.82 -2.41 8.83
CA SER B 24 -6.40 -2.75 8.65
C SER B 24 -5.92 -3.80 9.66
N ASN B 25 -6.47 -3.72 10.87
CA ASN B 25 -6.13 -4.69 11.89
C ASN B 25 -6.83 -6.03 11.72
N LEU B 26 -7.99 -6.05 11.09
CA LEU B 26 -8.57 -7.34 10.71
C LEU B 26 -7.69 -8.01 9.64
N LEU B 27 -7.19 -7.21 8.70
CA LEU B 27 -6.25 -7.72 7.69
C LEU B 27 -5.00 -8.26 8.37
N SER B 28 -4.38 -7.49 9.25
CA SER B 28 -3.15 -7.95 9.89
C SER B 28 -3.41 -9.12 10.84
N ARG B 29 -4.52 -9.11 11.56
CA ARG B 29 -4.81 -10.23 12.45
C ARG B 29 -5.00 -11.54 11.65
N PHE B 30 -5.82 -11.48 10.61
CA PHE B 30 -6.09 -12.68 9.85
C PHE B 30 -4.86 -13.23 9.13
N THR B 31 -4.06 -12.32 8.56
CA THR B 31 -2.98 -12.75 7.65
C THR B 31 -1.62 -12.98 8.29
N THR B 32 -1.31 -12.25 9.35
CA THR B 32 -0.02 -12.46 10.03
C THR B 32 -0.13 -12.56 11.54
N ASP B 33 -1.36 -12.64 12.04
CA ASP B 33 -1.64 -12.69 13.48
C ASP B 33 -1.01 -11.52 14.23
N GLU B 34 -1.11 -10.34 13.65
CA GLU B 34 -0.55 -9.13 14.25
C GLU B 34 -1.64 -8.11 14.47
N PHE B 35 -1.50 -7.37 15.56
CA PHE B 35 -2.43 -6.30 15.88
C PHE B 35 -1.62 -5.12 16.39
N ASN B 36 -2.02 -3.93 15.99
CA ASN B 36 -1.33 -2.75 16.50
CA ASN B 36 -1.34 -2.72 16.43
C ASN B 36 -2.35 -1.76 17.04
N ILE B 37 -2.14 -1.36 18.29
CA ILE B 37 -3.04 -0.42 18.93
C ILE B 37 -2.86 0.98 18.37
N GLU B 38 -1.69 1.24 17.81
CA GLU B 38 -1.35 2.57 17.30
C GLU B 38 -1.82 2.72 15.87
N SER B 39 -2.74 3.66 15.69
CA SER B 39 -3.43 3.91 14.43
C SER B 39 -2.52 4.60 13.39
N LYS B 40 -1.98 3.82 12.45
CA LYS B 40 -1.12 4.33 11.37
C LYS B 40 -1.95 4.72 10.15
N SER B 41 -1.81 5.97 9.70
CA SER B 41 -2.75 6.51 8.71
C SER B 41 -2.17 6.65 7.28
N THR B 42 -1.52 5.58 6.86
CA THR B 42 -1.06 5.35 5.48
C THR B 42 -2.12 5.73 4.44
N ILE B 43 -1.68 6.32 3.34
CA ILE B 43 -2.53 6.49 2.17
C ILE B 43 -2.10 5.41 1.21
N GLY B 44 -3.00 4.50 0.85
CA GLY B 44 -2.60 3.44 -0.07
C GLY B 44 -3.57 2.29 -0.21
N VAL B 45 -3.10 1.25 -0.89
CA VAL B 45 -3.83 -0.02 -0.99
CA VAL B 45 -3.82 -0.02 -1.02
C VAL B 45 -2.85 -1.12 -0.62
N GLU B 46 -3.33 -2.13 0.09
CA GLU B 46 -2.48 -3.25 0.49
C GLU B 46 -3.27 -4.53 0.29
N PHE B 47 -2.59 -5.62 -0.06
CA PHE B 47 -3.20 -6.92 0.20
C PHE B 47 -2.22 -7.87 0.84
N ALA B 48 -2.77 -8.88 1.52
CA ALA B 48 -1.96 -9.94 2.06
C ALA B 48 -2.72 -11.25 1.96
N THR B 49 -2.01 -12.38 1.94
CA THR B 49 -2.66 -13.65 1.69
C THR B 49 -2.55 -14.62 2.86
N ARG B 50 -3.51 -15.53 2.91
CA ARG B 50 -3.45 -16.66 3.83
C ARG B 50 -4.12 -17.82 3.16
N THR B 51 -3.54 -19.02 3.32
CA THR B 51 -4.12 -20.21 2.72
C THR B 51 -4.88 -20.98 3.77
N ILE B 52 -6.14 -21.28 3.49
CA ILE B 52 -6.93 -22.10 4.40
C ILE B 52 -7.52 -23.29 3.65
N GLU B 53 -7.97 -24.28 4.41
CA GLU B 53 -8.50 -25.49 3.84
C GLU B 53 -10.01 -25.58 4.03
N VAL B 54 -10.71 -25.83 2.93
CA VAL B 54 -12.17 -26.03 2.94
C VAL B 54 -12.53 -27.26 2.10
N GLU B 55 -13.24 -28.20 2.74
CA GLU B 55 -13.62 -29.49 2.11
C GLU B 55 -12.48 -30.09 1.29
N ASN B 56 -11.28 -30.11 1.89
CA ASN B 56 -10.09 -30.71 1.25
C ASN B 56 -9.74 -30.00 -0.05
N LYS B 57 -9.95 -28.69 -0.06
CA LYS B 57 -9.38 -27.83 -1.07
C LYS B 57 -8.62 -26.72 -0.37
N LYS B 58 -7.54 -26.27 -1.00
CA LYS B 58 -6.72 -25.21 -0.48
C LYS B 58 -7.11 -23.90 -1.14
N ILE B 59 -7.46 -22.92 -0.32
CA ILE B 59 -7.90 -21.66 -0.86
C ILE B 59 -6.93 -20.60 -0.41
N LYS B 60 -6.38 -19.89 -1.39
CA LYS B 60 -5.51 -18.76 -1.13
C LYS B 60 -6.42 -17.55 -1.00
N ALA B 61 -6.55 -17.03 0.22
CA ALA B 61 -7.43 -15.89 0.46
C ALA B 61 -6.57 -14.65 0.31
N GLN B 62 -6.96 -13.76 -0.59
CA GLN B 62 -6.18 -12.56 -0.87
C GLN B 62 -7.01 -11.38 -0.36
N ILE B 63 -6.60 -10.84 0.79
CA ILE B 63 -7.39 -9.85 1.54
C ILE B 63 -6.87 -8.44 1.26
N TRP B 64 -7.76 -7.60 0.73
CA TRP B 64 -7.38 -6.22 0.34
C TRP B 64 -7.89 -5.18 1.33
N ASP B 65 -7.15 -4.08 1.44
CA ASP B 65 -7.45 -3.01 2.41
C ASP B 65 -6.94 -1.72 1.79
N THR B 66 -7.57 -0.61 2.14
CA THR B 66 -7.14 0.66 1.54
C THR B 66 -7.53 1.82 2.46
N ALA B 67 -6.89 2.97 2.23
CA ALA B 67 -7.34 4.21 2.84
C ALA B 67 -6.81 5.38 2.04
N GLY B 68 -7.60 6.45 1.97
CA GLY B 68 -7.07 7.74 1.48
C GLY B 68 -7.01 7.92 -0.02
N LEU B 69 -7.42 6.92 -0.79
CA LEU B 69 -7.31 7.00 -2.24
C LEU B 69 -8.62 7.32 -2.96
N GLU B 70 -9.58 7.91 -2.26
CA GLU B 70 -10.90 8.17 -2.87
C GLU B 70 -10.84 9.06 -4.12
N ARG B 71 -9.80 9.90 -4.21
CA ARG B 71 -9.65 10.83 -5.33
C ARG B 71 -9.21 10.11 -6.62
N TYR B 72 -8.71 8.89 -6.46
CA TYR B 72 -8.12 8.12 -7.54
C TYR B 72 -9.13 7.09 -8.07
N ARG B 73 -9.90 7.48 -9.06
CA ARG B 73 -10.97 6.66 -9.56
C ARG B 73 -10.48 5.35 -10.16
N ALA B 74 -9.38 5.39 -10.88
CA ALA B 74 -8.83 4.17 -11.49
C ALA B 74 -8.39 3.19 -10.42
N ILE B 75 -7.72 3.69 -9.38
CA ILE B 75 -7.24 2.82 -8.31
C ILE B 75 -8.40 2.24 -7.53
N THR B 76 -9.38 3.09 -7.21
CA THR B 76 -10.58 2.64 -6.51
C THR B 76 -11.32 1.55 -7.30
N SER B 77 -11.45 1.73 -8.61
CA SER B 77 -12.09 0.70 -9.41
C SER B 77 -11.29 -0.60 -9.39
N ALA B 78 -9.97 -0.50 -9.53
CA ALA B 78 -9.11 -1.68 -9.50
C ALA B 78 -9.16 -2.37 -8.13
N TYR B 79 -9.42 -1.58 -7.09
CA TYR B 79 -9.54 -2.13 -5.75
C TYR B 79 -10.67 -3.15 -5.69
N TYR B 80 -11.82 -2.79 -6.24
CA TYR B 80 -12.97 -3.66 -6.23
C TYR B 80 -12.91 -4.76 -7.28
N ARG B 81 -12.19 -4.52 -8.38
CA ARG B 81 -12.21 -5.39 -9.56
CA ARG B 81 -12.28 -5.41 -9.53
C ARG B 81 -11.75 -6.80 -9.21
N GLY B 82 -12.51 -7.81 -9.62
CA GLY B 82 -12.11 -9.19 -9.38
C GLY B 82 -12.42 -9.72 -7.98
N ALA B 83 -12.90 -8.85 -7.07
CA ALA B 83 -13.28 -9.33 -5.72
C ALA B 83 -14.46 -10.29 -5.85
N VAL B 84 -14.36 -11.44 -5.18
CA VAL B 84 -15.46 -12.39 -5.13
C VAL B 84 -16.12 -12.36 -3.74
N GLY B 85 -15.48 -11.65 -2.82
CA GLY B 85 -16.04 -11.50 -1.48
C GLY B 85 -15.76 -10.10 -0.99
N ALA B 86 -16.60 -9.60 -0.09
CA ALA B 86 -16.36 -8.32 0.56
C ALA B 86 -16.81 -8.44 2.00
N LEU B 87 -16.08 -7.77 2.89
CA LEU B 87 -16.46 -7.65 4.30
C LEU B 87 -16.72 -6.21 4.56
N ILE B 88 -17.95 -5.91 4.97
CA ILE B 88 -18.31 -4.54 5.37
C ILE B 88 -18.18 -4.49 6.89
N VAL B 89 -17.34 -3.59 7.38
CA VAL B 89 -16.94 -3.58 8.78
C VAL B 89 -17.47 -2.31 9.47
N TYR B 90 -18.07 -2.51 10.64
CA TYR B 90 -18.37 -1.42 11.57
C TYR B 90 -17.76 -1.71 12.95
N ASP B 91 -17.93 -0.75 13.85
CA ASP B 91 -17.37 -0.81 15.19
C ASP B 91 -18.59 -0.94 16.11
N ILE B 92 -18.68 -2.03 16.87
CA ILE B 92 -19.87 -2.23 17.74
C ILE B 92 -20.06 -1.15 18.79
N SER B 93 -18.99 -0.39 19.08
CA SER B 93 -19.04 0.71 20.08
C SER B 93 -19.35 2.07 19.46
N LYS B 94 -19.55 2.09 18.13
CA LYS B 94 -19.78 3.36 17.46
C LYS B 94 -20.95 3.22 16.49
N SER B 95 -22.14 3.64 16.92
CA SER B 95 -23.32 3.41 16.09
C SER B 95 -23.27 4.12 14.74
N SER B 96 -22.58 5.26 14.67
CA SER B 96 -22.42 5.98 13.40
C SER B 96 -21.85 5.07 12.32
N SER B 97 -20.90 4.22 12.71
CA SER B 97 -20.21 3.37 11.75
C SER B 97 -21.15 2.28 11.23
N TYR B 98 -22.04 1.82 12.10
CA TYR B 98 -23.05 0.83 11.76
C TYR B 98 -24.08 1.46 10.83
N GLU B 99 -24.53 2.67 11.17
CA GLU B 99 -25.51 3.36 10.34
C GLU B 99 -25.03 3.62 8.91
N ASN B 100 -23.71 3.75 8.73
CA ASN B 100 -23.10 3.97 7.42
CA ASN B 100 -23.14 3.98 7.41
C ASN B 100 -22.95 2.69 6.58
N CYS B 101 -23.33 1.55 7.15
CA CYS B 101 -23.18 0.30 6.40
C CYS B 101 -24.10 0.24 5.18
N ASN B 102 -25.25 0.91 5.23
CA ASN B 102 -26.08 1.04 4.04
C ASN B 102 -25.32 1.70 2.90
N HIS B 103 -24.59 2.76 3.23
CA HIS B 103 -23.70 3.41 2.28
C HIS B 103 -22.70 2.43 1.67
N TRP B 104 -22.04 1.64 2.51
CA TRP B 104 -21.00 0.75 2.00
C TRP B 104 -21.60 -0.31 1.09
N LEU B 105 -22.80 -0.76 1.43
CA LEU B 105 -23.51 -1.72 0.60
C LEU B 105 -23.76 -1.18 -0.80
N THR B 106 -24.21 0.06 -0.86
CA THR B 106 -24.47 0.75 -2.11
C THR B 106 -23.19 0.89 -2.89
N GLU B 107 -22.10 1.25 -2.19
CA GLU B 107 -20.82 1.46 -2.82
C GLU B 107 -20.33 0.15 -3.41
N LEU B 108 -20.46 -0.93 -2.64
CA LEU B 108 -20.09 -2.24 -3.11
C LEU B 108 -20.88 -2.63 -4.36
N ARG B 109 -22.20 -2.41 -4.34
CA ARG B 109 -23.05 -2.79 -5.46
C ARG B 109 -22.80 -1.97 -6.72
N GLU B 110 -22.41 -0.72 -6.54
CA GLU B 110 -22.06 0.15 -7.66
C GLU B 110 -20.69 -0.19 -8.27
N ASN B 111 -19.80 -0.76 -7.47
CA ASN B 111 -18.40 -0.89 -7.88
C ASN B 111 -17.89 -2.31 -8.07
N ALA B 112 -18.57 -3.27 -7.44
CA ALA B 112 -18.13 -4.66 -7.47
C ALA B 112 -18.68 -5.40 -8.68
N ASP B 113 -18.02 -6.50 -9.00
CA ASP B 113 -18.51 -7.47 -9.97
C ASP B 113 -19.82 -8.10 -9.46
N ASP B 114 -20.46 -8.89 -10.31
CA ASP B 114 -21.83 -9.39 -10.08
C ASP B 114 -22.12 -10.22 -8.81
N ASN B 115 -21.46 -11.38 -8.70
CA ASN B 115 -21.88 -12.39 -7.74
C ASN B 115 -21.17 -12.37 -6.38
N VAL B 116 -20.66 -11.20 -6.00
CA VAL B 116 -19.86 -11.04 -4.77
C VAL B 116 -20.60 -11.49 -3.50
N ALA B 117 -19.97 -12.37 -2.72
CA ALA B 117 -20.51 -12.76 -1.42
C ALA B 117 -20.09 -11.73 -0.39
N VAL B 118 -21.02 -11.37 0.49
CA VAL B 118 -20.78 -10.26 1.41
C VAL B 118 -20.98 -10.71 2.86
N GLY B 119 -20.06 -10.30 3.73
CA GLY B 119 -20.22 -10.51 5.18
C GLY B 119 -20.22 -9.15 5.87
N LEU B 120 -21.05 -9.00 6.89
CA LEU B 120 -21.01 -7.83 7.75
C LEU B 120 -20.23 -8.20 9.02
N ILE B 121 -19.28 -7.35 9.41
CA ILE B 121 -18.50 -7.56 10.62
C ILE B 121 -18.69 -6.41 11.57
N GLY B 122 -19.15 -6.74 12.78
CA GLY B 122 -19.14 -5.78 13.88
C GLY B 122 -17.87 -6.03 14.67
N ASN B 123 -16.88 -5.18 14.46
CA ASN B 123 -15.58 -5.35 15.13
C ASN B 123 -15.51 -4.62 16.48
N LYS B 124 -14.41 -4.84 17.20
CA LYS B 124 -14.16 -4.26 18.53
C LYS B 124 -15.10 -4.85 19.58
N SER B 125 -15.40 -6.14 19.46
CA SER B 125 -16.35 -6.78 20.38
C SER B 125 -15.79 -6.82 21.82
N ASP B 126 -14.48 -6.61 21.95
CA ASP B 126 -13.84 -6.49 23.25
C ASP B 126 -14.31 -5.24 24.01
N LEU B 127 -14.92 -4.30 23.27
CA LEU B 127 -15.48 -3.08 23.90
C LEU B 127 -16.99 -3.20 24.17
N ALA B 128 -17.45 -4.40 24.56
CA ALA B 128 -18.89 -4.63 24.80
C ALA B 128 -19.46 -3.73 25.90
N HIS B 129 -18.58 -3.29 26.81
CA HIS B 129 -18.94 -2.36 27.87
C HIS B 129 -19.32 -0.99 27.31
N LEU B 130 -18.97 -0.76 26.05
CA LEU B 130 -19.35 0.46 25.33
C LEU B 130 -20.21 0.13 24.10
N ARG B 131 -20.88 -1.02 24.12
CA ARG B 131 -21.71 -1.40 22.97
C ARG B 131 -22.74 -0.33 22.60
N ALA B 132 -22.75 0.01 21.31
CA ALA B 132 -23.69 0.97 20.78
C ALA B 132 -24.61 0.33 19.74
N VAL B 133 -24.27 -0.89 19.31
CA VAL B 133 -25.06 -1.59 18.29
C VAL B 133 -25.48 -2.96 18.83
N PRO B 134 -26.78 -3.12 19.16
CA PRO B 134 -27.24 -4.44 19.59
C PRO B 134 -26.99 -5.53 18.53
N THR B 135 -26.48 -6.67 18.98
CA THR B 135 -26.18 -7.80 18.13
C THR B 135 -27.38 -8.24 17.29
N ASP B 136 -28.55 -8.37 17.92
CA ASP B 136 -29.74 -8.87 17.21
CA ASP B 136 -29.75 -8.85 17.23
C ASP B 136 -30.17 -7.95 16.08
N GLU B 137 -30.02 -6.64 16.29
CA GLU B 137 -30.34 -5.64 15.29
C GLU B 137 -29.43 -5.76 14.06
N ALA B 138 -28.12 -5.85 14.30
CA ALA B 138 -27.17 -6.00 13.21
C ALA B 138 -27.33 -7.34 12.47
N LYS B 139 -27.57 -8.41 13.22
CA LYS B 139 -27.79 -9.74 12.64
C LYS B 139 -28.99 -9.68 11.69
N ASN B 140 -30.06 -9.02 12.13
CA ASN B 140 -31.28 -8.89 11.32
C ASN B 140 -31.03 -8.09 10.05
N PHE B 141 -30.30 -6.98 10.19
CA PHE B 141 -29.92 -6.15 9.05
C PHE B 141 -29.10 -6.96 8.06
N ALA B 142 -28.19 -7.78 8.58
CA ALA B 142 -27.36 -8.62 7.71
C ALA B 142 -28.23 -9.60 6.94
N MET B 143 -29.13 -10.27 7.65
CA MET B 143 -30.03 -11.26 7.03
C MET B 143 -30.92 -10.62 5.95
N GLU B 144 -31.44 -9.42 6.24
CA GLU B 144 -32.30 -8.62 5.35
CA GLU B 144 -32.31 -8.71 5.31
C GLU B 144 -31.59 -8.27 4.04
N ASN B 145 -30.26 -8.16 4.10
CA ASN B 145 -29.45 -7.75 2.97
C ASN B 145 -28.53 -8.84 2.42
N GLN B 146 -28.88 -10.09 2.73
CA GLN B 146 -28.17 -11.27 2.22
C GLN B 146 -26.67 -11.28 2.55
N MET B 147 -26.33 -10.75 3.72
CA MET B 147 -24.94 -10.74 4.19
C MET B 147 -24.78 -11.73 5.33
N LEU B 148 -23.61 -12.37 5.40
CA LEU B 148 -23.25 -13.10 6.61
C LEU B 148 -23.00 -12.09 7.73
N PHE B 149 -22.93 -12.58 8.96
CA PHE B 149 -22.72 -11.71 10.11
C PHE B 149 -21.84 -12.33 11.19
N THR B 150 -20.88 -11.55 11.67
CA THR B 150 -20.02 -11.93 12.79
C THR B 150 -19.64 -10.70 13.59
N GLU B 151 -19.61 -10.85 14.90
CA GLU B 151 -18.92 -9.87 15.75
C GLU B 151 -17.52 -10.37 16.04
N THR B 152 -16.54 -9.48 15.87
CA THR B 152 -15.13 -9.86 15.99
C THR B 152 -14.38 -8.92 16.90
N SER B 153 -13.21 -9.35 17.36
CA SER B 153 -12.24 -8.43 17.94
C SER B 153 -10.89 -8.73 17.30
N ALA B 154 -10.40 -7.81 16.48
CA ALA B 154 -9.04 -7.94 15.98
C ALA B 154 -8.07 -7.85 17.15
N LEU B 155 -8.46 -7.12 18.19
CA LEU B 155 -7.60 -6.93 19.37
C LEU B 155 -7.29 -8.24 20.09
N ASN B 156 -8.34 -9.02 20.39
CA ASN B 156 -8.15 -10.26 21.14
C ASN B 156 -8.30 -11.54 20.34
N SER B 157 -8.50 -11.38 19.04
CA SER B 157 -8.68 -12.45 18.03
C SER B 157 -10.08 -13.04 17.90
N ASP B 158 -10.96 -12.75 18.86
CA ASP B 158 -12.30 -13.38 18.90
C ASP B 158 -12.95 -13.33 17.52
N ASN B 159 -13.28 -14.51 16.99
CA ASN B 159 -14.10 -14.69 15.78
C ASN B 159 -13.49 -14.18 14.48
N VAL B 160 -12.24 -13.74 14.50
CA VAL B 160 -11.65 -13.21 13.27
C VAL B 160 -11.52 -14.32 12.23
N ASP B 161 -10.94 -15.46 12.61
CA ASP B 161 -10.86 -16.57 11.67
C ASP B 161 -12.24 -17.03 11.22
N LYS B 162 -13.17 -17.08 12.16
CA LYS B 162 -14.55 -17.47 11.84
C LYS B 162 -15.16 -16.57 10.76
N ALA B 163 -15.00 -15.25 10.90
CA ALA B 163 -15.61 -14.33 9.96
C ALA B 163 -15.06 -14.51 8.56
N PHE B 164 -13.74 -14.62 8.43
CA PHE B 164 -13.13 -14.86 7.12
C PHE B 164 -13.46 -16.26 6.60
N ARG B 165 -13.38 -17.25 7.47
CA ARG B 165 -13.64 -18.63 7.05
C ARG B 165 -15.05 -18.75 6.50
N GLU B 166 -16.02 -18.22 7.23
CA GLU B 166 -17.40 -18.37 6.80
C GLU B 166 -17.63 -17.71 5.44
N LEU B 167 -16.99 -16.57 5.19
CA LEU B 167 -17.15 -15.90 3.89
C LEU B 167 -16.52 -16.77 2.80
N ILE B 168 -15.32 -17.27 3.07
CA ILE B 168 -14.59 -18.12 2.13
C ILE B 168 -15.39 -19.37 1.77
N VAL B 169 -16.01 -19.99 2.78
CA VAL B 169 -16.86 -21.16 2.56
C VAL B 169 -18.01 -20.78 1.62
N ALA B 170 -18.65 -19.65 1.92
CA ALA B 170 -19.75 -19.13 1.09
C ALA B 170 -19.35 -18.90 -0.36
N ILE B 171 -18.21 -18.24 -0.57
CA ILE B 171 -17.66 -18.04 -1.91
C ILE B 171 -17.43 -19.40 -2.57
N PHE B 172 -16.80 -20.33 -1.83
CA PHE B 172 -16.48 -21.66 -2.36
C PHE B 172 -17.73 -22.42 -2.83
N GLN B 173 -18.82 -22.31 -2.06
CA GLN B 173 -20.07 -23.03 -2.37
C GLN B 173 -20.64 -22.60 -3.71
N MET B 174 -20.48 -21.32 -4.05
CA MET B 174 -20.94 -20.81 -5.34
C MET B 174 -20.14 -21.36 -6.52
N VAL B 175 -18.83 -21.51 -6.33
CA VAL B 175 -17.92 -21.89 -7.41
C VAL B 175 -17.08 -23.14 -7.06
PB GDP C . 12.01 -2.19 -0.16
O1B GDP C . 11.62 -3.63 -0.37
O2B GDP C . 12.86 -1.61 -1.33
O3B GDP C . 10.77 -1.34 0.11
O3A GDP C . 12.95 -2.12 1.13
PA GDP C . 12.57 -1.74 2.65
O1A GDP C . 12.46 -0.29 2.90
O2A GDP C . 11.31 -2.54 3.09
O5' GDP C . 13.87 -2.27 3.43
C5' GDP C . 14.32 -3.60 3.24
C4' GDP C . 15.08 -4.02 4.51
O4' GDP C . 16.30 -3.25 4.47
C3' GDP C . 14.39 -3.70 5.84
O3' GDP C . 14.85 -4.66 6.83
C2' GDP C . 14.91 -2.31 6.15
O2' GDP C . 14.90 -2.00 7.58
C1' GDP C . 16.35 -2.43 5.63
N9 GDP C . 16.95 -1.14 5.20
C8 GDP C . 16.33 -0.16 4.47
N7 GDP C . 17.20 0.84 4.30
C5 GDP C . 18.36 0.52 4.90
C6 GDP C . 19.59 1.17 5.04
O6 GDP C . 19.86 2.30 4.60
N1 GDP C . 20.62 0.52 5.74
C2 GDP C . 20.38 -0.76 6.28
N2 GDP C . 21.38 -1.33 6.94
N3 GDP C . 19.18 -1.36 6.14
C4 GDP C . 18.18 -0.75 5.46
MG MG D . 8.80 -1.73 0.04
PB GDP E . -9.28 1.22 9.90
O1B GDP E . -9.25 2.72 9.83
O2B GDP E . -10.69 0.68 9.62
O3B GDP E . -8.20 0.54 9.01
O3A GDP E . -8.95 0.79 11.43
PA GDP E . -7.58 0.35 12.09
O1A GDP E . -7.28 -1.09 11.82
O2A GDP E . -6.45 1.38 11.68
O5' GDP E . -7.90 0.52 13.64
C5' GDP E . -8.21 1.84 14.15
C4' GDP E . -7.94 1.86 15.65
O4' GDP E . -8.85 0.88 16.24
C3' GDP E . -6.53 1.43 15.99
O3' GDP E . -6.10 2.12 17.18
C2' GDP E . -6.72 -0.05 16.32
O2' GDP E . -5.70 -0.52 17.21
C1' GDP E . -8.09 -0.04 16.99
N9 GDP E . -8.73 -1.37 16.82
C8 GDP E . -8.83 -2.10 15.68
N7 GDP E . -9.50 -3.23 15.93
C5 GDP E . -9.84 -3.23 17.24
C6 GDP E . -10.52 -4.11 18.07
O6 GDP E . -11.00 -5.20 17.72
N1 GDP E . -10.72 -3.73 19.41
C2 GDP E . -10.22 -2.53 19.89
N2 GDP E . -10.41 -2.20 21.19
N3 GDP E . -9.55 -1.70 19.08
C4 GDP E . -9.38 -2.03 17.78
MG MG F . -6.91 1.22 7.64
#